data_8KCJ
#
_entry.id   8KCJ
#
_cell.length_a   72.427
_cell.length_b   72.427
_cell.length_c   33.677
_cell.angle_alpha   90.000
_cell.angle_beta   90.000
_cell.angle_gamma   90.000
#
_symmetry.space_group_name_H-M   'P 4'
#
loop_
_entity.id
_entity.type
_entity.pdbx_description
1 polymer 'De novo design protein -N7'
2 non-polymer GLYCEROL
3 water water
#
_entity_poly.entity_id   1
_entity_poly.type   'polypeptide(L)'
_entity_poly.pdbx_seq_one_letter_code
;GLEAAVDAAYEILLEELEKHGVRTIVVVGTGELALVLALAGVRLARERGVKTIVLVRDAAAAHRLLAALAAALGLPAPAS
ADAAALAAADAALWAEHGLRVRVADLTDPAALRAALEALFAEHGRDDTLVLPAGEAALAALEPVLRELGLEEMAAVAREV
YARLRAALAAARALEHHHHHH
;
_entity_poly.pdbx_strand_id   A
#
# COMPACT_ATOMS: atom_id res chain seq x y z
N GLY A 1 1.77 0.53 19.60
CA GLY A 1 0.60 -0.24 19.18
C GLY A 1 0.13 0.17 17.80
N LEU A 2 -0.94 -0.46 17.34
CA LEU A 2 -1.40 -0.29 15.97
C LEU A 2 -1.94 1.12 15.73
N GLU A 3 -2.71 1.66 16.67
CA GLU A 3 -3.29 2.99 16.47
C GLU A 3 -2.21 4.05 16.34
N ALA A 4 -1.19 3.99 17.20
CA ALA A 4 -0.09 4.93 17.12
C ALA A 4 0.62 4.82 15.79
N ALA A 5 0.77 3.59 15.27
CA ALA A 5 1.46 3.42 13.98
C ALA A 5 0.64 3.97 12.83
N VAL A 6 -0.67 3.71 12.83
CA VAL A 6 -1.54 4.26 11.79
C VAL A 6 -1.55 5.78 11.85
N ASP A 7 -1.61 6.34 13.06
CA ASP A 7 -1.62 7.79 13.20
C ASP A 7 -0.34 8.41 12.66
N ALA A 8 0.80 7.79 12.97
CA ALA A 8 2.09 8.34 12.52
C ALA A 8 2.21 8.26 11.01
N ALA A 9 1.79 7.14 10.43
CA ALA A 9 1.82 7.00 8.97
C ALA A 9 0.85 7.97 8.32
N TYR A 10 -0.33 8.15 8.92
CA TYR A 10 -1.31 9.10 8.40
C TYR A 10 -0.73 10.50 8.35
N GLU A 11 -0.06 10.92 9.43
CA GLU A 11 0.50 12.28 9.46
C GLU A 11 1.53 12.45 8.37
N ILE A 12 2.37 11.45 8.14
CA ILE A 12 3.37 11.52 7.10
C ILE A 12 2.72 11.62 5.73
N LEU A 13 1.68 10.81 5.49
CA LEU A 13 1.00 10.82 4.20
C LEU A 13 0.32 12.15 3.95
N LEU A 14 -0.30 12.72 4.99
CA LEU A 14 -0.92 14.04 4.84
C LEU A 14 0.10 15.05 4.37
N GLU A 15 1.30 15.02 4.95
CA GLU A 15 2.36 15.94 4.56
C GLU A 15 2.75 15.75 3.09
N GLU A 16 2.74 14.50 2.61
CA GLU A 16 3.10 14.24 1.23
C GLU A 16 1.99 14.64 0.27
N LEU A 17 0.72 14.42 0.66
CA LEU A 17 -0.39 14.85 -0.19
C LEU A 17 -0.31 16.35 -0.45
N GLU A 18 -0.06 17.12 0.61
CA GLU A 18 0.10 18.57 0.45
C GLU A 18 1.33 18.91 -0.35
N LYS A 19 2.41 18.12 -0.19
CA LYS A 19 3.67 18.45 -0.83
C LYS A 19 3.64 18.14 -2.32
N HIS A 20 2.95 17.08 -2.74
CA HIS A 20 3.02 16.61 -4.11
C HIS A 20 1.69 16.61 -4.86
N GLY A 21 0.60 17.04 -4.23
CA GLY A 21 -0.70 16.97 -4.89
C GLY A 21 -1.08 15.55 -5.25
N VAL A 22 -1.09 14.69 -4.24
CA VAL A 22 -1.27 13.25 -4.45
C VAL A 22 -2.75 12.91 -4.46
N ARG A 23 -3.17 12.15 -5.47
CA ARG A 23 -4.53 11.65 -5.57
C ARG A 23 -4.62 10.15 -5.37
N THR A 24 -3.53 9.42 -5.55
CA THR A 24 -3.51 7.98 -5.50
C THR A 24 -2.22 7.52 -4.86
N ILE A 25 -2.32 6.58 -3.91
CA ILE A 25 -1.16 5.98 -3.27
C ILE A 25 -1.10 4.52 -3.71
N VAL A 26 0.08 4.09 -4.13
CA VAL A 26 0.35 2.71 -4.47
C VAL A 26 1.39 2.19 -3.50
N VAL A 27 1.04 1.16 -2.75
CA VAL A 27 1.95 0.52 -1.79
C VAL A 27 2.42 -0.79 -2.40
N VAL A 28 3.72 -1.01 -2.40
CA VAL A 28 4.31 -2.21 -2.99
C VAL A 28 4.92 -3.03 -1.87
N GLY A 29 4.35 -4.22 -1.59
CA GLY A 29 4.94 -5.14 -0.65
C GLY A 29 3.95 -5.58 0.41
N THR A 30 4.45 -6.33 1.38
CA THR A 30 3.64 -6.94 2.43
C THR A 30 4.24 -6.62 3.78
N GLY A 31 3.55 -7.03 4.84
CA GLY A 31 4.06 -6.89 6.18
C GLY A 31 3.40 -5.78 6.95
N GLU A 32 4.00 -5.45 8.09
CA GLU A 32 3.38 -4.52 9.02
C GLU A 32 3.20 -3.13 8.39
N LEU A 33 4.19 -2.65 7.63
CA LEU A 33 4.03 -1.33 7.01
C LEU A 33 2.95 -1.34 5.94
N ALA A 34 2.80 -2.44 5.20
CA ALA A 34 1.71 -2.52 4.23
C ALA A 34 0.36 -2.39 4.94
N LEU A 35 0.18 -3.10 6.06
CA LEU A 35 -1.08 -3.00 6.79
C LEU A 35 -1.29 -1.59 7.31
N VAL A 36 -0.25 -1.00 7.90
CA VAL A 36 -0.39 0.34 8.47
C VAL A 36 -0.71 1.36 7.39
N LEU A 37 -0.04 1.25 6.22
CA LEU A 37 -0.33 2.15 5.12
C LEU A 37 -1.74 1.97 4.59
N ALA A 38 -2.20 0.71 4.48
CA ALA A 38 -3.56 0.47 4.04
C ALA A 38 -4.58 1.07 5.01
N LEU A 39 -4.33 0.93 6.31
CA LEU A 39 -5.24 1.47 7.30
C LEU A 39 -5.24 3.00 7.28
N ALA A 40 -4.06 3.61 7.17
CA ALA A 40 -4.04 5.06 7.00
C ALA A 40 -4.75 5.46 5.71
N GLY A 41 -4.63 4.62 4.68
CA GLY A 41 -5.33 4.88 3.43
C GLY A 41 -6.83 4.84 3.56
N VAL A 42 -7.36 3.98 4.44
CA VAL A 42 -8.79 4.00 4.71
C VAL A 42 -9.23 5.36 5.22
N ARG A 43 -8.47 5.91 6.18
CA ARG A 43 -8.80 7.23 6.70
C ARG A 43 -8.66 8.30 5.63
N LEU A 44 -7.60 8.22 4.82
CA LEU A 44 -7.38 9.24 3.81
C LEU A 44 -8.45 9.21 2.73
N ALA A 45 -8.95 8.01 2.40
CA ALA A 45 -10.03 7.92 1.43
C ALA A 45 -11.29 8.60 1.95
N ARG A 46 -11.64 8.32 3.21
CA ARG A 46 -12.85 8.89 3.80
C ARG A 46 -12.73 10.40 3.92
N GLU A 47 -11.57 10.89 4.35
CA GLU A 47 -11.41 12.29 4.69
C GLU A 47 -10.97 13.16 3.51
N ARG A 48 -10.26 12.59 2.53
CA ARG A 48 -9.63 13.39 1.49
C ARG A 48 -9.92 12.90 0.08
N GLY A 49 -10.56 11.75 -0.08
CA GLY A 49 -10.81 11.22 -1.41
C GLY A 49 -9.60 10.66 -2.11
N VAL A 50 -8.55 10.34 -1.37
CA VAL A 50 -7.32 9.75 -1.92
C VAL A 50 -7.44 8.24 -1.86
N LYS A 51 -7.24 7.58 -2.99
CA LYS A 51 -7.36 6.13 -3.07
C LYS A 51 -6.01 5.46 -2.87
N THR A 52 -6.04 4.24 -2.34
CA THR A 52 -4.83 3.46 -2.07
C THR A 52 -4.96 2.07 -2.67
N ILE A 53 -3.92 1.61 -3.33
CA ILE A 53 -3.83 0.27 -3.91
C ILE A 53 -2.58 -0.40 -3.37
N VAL A 54 -2.72 -1.59 -2.80
CA VAL A 54 -1.59 -2.36 -2.31
C VAL A 54 -1.32 -3.51 -3.28
N LEU A 55 -0.06 -3.61 -3.74
CA LEU A 55 0.40 -4.69 -4.61
C LEU A 55 1.16 -5.69 -3.75
N VAL A 56 0.63 -6.90 -3.61
CA VAL A 56 1.24 -7.94 -2.80
C VAL A 56 1.68 -9.08 -3.71
N ARG A 57 2.57 -9.92 -3.18
CA ARG A 57 3.33 -10.82 -4.04
C ARG A 57 2.50 -11.97 -4.58
N ASP A 58 1.59 -12.53 -3.77
CA ASP A 58 0.82 -13.69 -4.23
C ASP A 58 -0.56 -13.67 -3.60
N ALA A 59 -1.41 -14.63 -4.03
CA ALA A 59 -2.78 -14.69 -3.55
C ALA A 59 -2.85 -14.92 -2.04
N ALA A 60 -1.95 -15.75 -1.50
CA ALA A 60 -1.91 -15.96 -0.06
C ALA A 60 -1.65 -14.65 0.67
N ALA A 61 -0.73 -13.83 0.16
CA ALA A 61 -0.48 -12.54 0.80
C ALA A 61 -1.69 -11.61 0.68
N ALA A 62 -2.41 -11.67 -0.44
CA ALA A 62 -3.60 -10.85 -0.58
C ALA A 62 -4.66 -11.23 0.42
N HIS A 63 -4.85 -12.54 0.62
CA HIS A 63 -5.81 -12.98 1.62
C HIS A 63 -5.42 -12.51 3.01
N ARG A 64 -4.13 -12.63 3.37
CA ARG A 64 -3.72 -12.22 4.70
C ARG A 64 -3.95 -10.74 4.93
N LEU A 65 -3.62 -9.91 3.94
CA LEU A 65 -3.86 -8.47 4.09
C LEU A 65 -5.35 -8.14 4.08
N LEU A 66 -6.12 -8.75 3.16
CA LEU A 66 -7.57 -8.51 3.17
C LEU A 66 -8.20 -8.96 4.48
N ALA A 67 -7.67 -10.02 5.09
CA ALA A 67 -8.25 -10.52 6.33
C ALA A 67 -7.98 -9.57 7.49
N ALA A 68 -6.78 -8.98 7.52
CA ALA A 68 -6.46 -8.00 8.56
C ALA A 68 -7.25 -6.71 8.35
N LEU A 69 -7.37 -6.26 7.10
CA LEU A 69 -8.23 -5.12 6.82
C LEU A 69 -9.66 -5.40 7.24
N ALA A 70 -10.17 -6.61 6.94
CA ALA A 70 -11.53 -6.97 7.33
C ALA A 70 -11.71 -6.84 8.83
N ALA A 71 -10.78 -7.40 9.60
CA ALA A 71 -10.86 -7.32 11.06
C ALA A 71 -10.86 -5.88 11.54
N ALA A 72 -10.08 -5.02 10.89
CA ALA A 72 -10.04 -3.62 11.30
C ALA A 72 -11.36 -2.92 11.01
N LEU A 73 -12.06 -3.33 9.96
CA LEU A 73 -13.30 -2.69 9.54
C LEU A 73 -14.55 -3.37 10.11
N GLY A 74 -14.40 -4.45 10.87
CA GLY A 74 -15.55 -5.18 11.35
C GLY A 74 -16.30 -5.94 10.28
N LEU A 75 -15.61 -6.41 9.26
CA LEU A 75 -16.21 -7.06 8.11
C LEU A 75 -15.69 -8.49 7.98
N PRO A 76 -16.44 -9.36 7.31
CA PRO A 76 -15.95 -10.74 7.11
C PRO A 76 -14.73 -10.75 6.20
N ALA A 77 -13.77 -11.60 6.54
CA ALA A 77 -12.65 -11.85 5.65
C ALA A 77 -13.11 -12.71 4.48
N PRO A 78 -12.39 -12.69 3.36
CA PRO A 78 -12.72 -13.59 2.26
C PRO A 78 -12.51 -15.03 2.70
N ALA A 79 -13.39 -15.92 2.24
CA ALA A 79 -13.36 -17.29 2.72
C ALA A 79 -12.04 -17.99 2.40
N SER A 80 -11.39 -17.62 1.30
CA SER A 80 -10.16 -18.29 0.90
C SER A 80 -9.38 -17.37 -0.01
N ALA A 81 -8.20 -17.84 -0.44
CA ALA A 81 -7.37 -17.12 -1.40
C ALA A 81 -7.73 -17.45 -2.84
N ASP A 82 -8.87 -18.08 -3.07
CA ASP A 82 -9.41 -18.22 -4.41
C ASP A 82 -9.41 -16.88 -5.13
N ALA A 83 -8.94 -16.88 -6.38
CA ALA A 83 -8.82 -15.62 -7.13
C ALA A 83 -10.16 -14.92 -7.24
N ALA A 84 -11.24 -15.66 -7.49
CA ALA A 84 -12.55 -15.04 -7.57
C ALA A 84 -12.95 -14.41 -6.24
N ALA A 85 -12.67 -15.08 -5.13
CA ALA A 85 -12.99 -14.52 -3.82
C ALA A 85 -12.16 -13.26 -3.56
N LEU A 86 -10.88 -13.29 -3.91
CA LEU A 86 -10.02 -12.11 -3.73
C LEU A 86 -10.47 -10.96 -4.62
N ALA A 87 -10.82 -11.24 -5.88
CA ALA A 87 -11.25 -10.17 -6.76
C ALA A 87 -12.56 -9.56 -6.29
N ALA A 88 -13.48 -10.40 -5.81
CA ALA A 88 -14.74 -9.87 -5.30
C ALA A 88 -14.51 -9.03 -4.05
N ALA A 89 -13.69 -9.52 -3.13
CA ALA A 89 -13.37 -8.74 -1.93
C ALA A 89 -12.71 -7.42 -2.30
N ASP A 90 -11.81 -7.45 -3.29
CA ASP A 90 -11.15 -6.23 -3.72
C ASP A 90 -12.14 -5.22 -4.29
N ALA A 91 -13.08 -5.69 -5.13
CA ALA A 91 -14.05 -4.76 -5.70
C ALA A 91 -14.91 -4.14 -4.62
N ALA A 92 -15.30 -4.93 -3.61
CA ALA A 92 -16.11 -4.40 -2.51
C ALA A 92 -15.31 -3.39 -1.68
N LEU A 93 -14.05 -3.72 -1.40
CA LEU A 93 -13.19 -2.83 -0.63
C LEU A 93 -12.99 -1.49 -1.36
N TRP A 94 -12.80 -1.55 -2.67
CA TRP A 94 -12.63 -0.33 -3.46
C TRP A 94 -13.91 0.51 -3.45
N ALA A 95 -15.06 -0.12 -3.71
CA ALA A 95 -16.30 0.63 -3.82
C ALA A 95 -16.69 1.29 -2.50
N GLU A 96 -16.48 0.59 -1.38
CA GLU A 96 -16.91 1.09 -0.09
C GLU A 96 -15.86 1.91 0.63
N HIS A 97 -14.57 1.64 0.40
CA HIS A 97 -13.53 2.21 1.24
C HIS A 97 -12.36 2.83 0.47
N GLY A 98 -12.36 2.77 -0.86
CA GLY A 98 -11.30 3.41 -1.62
C GLY A 98 -9.96 2.73 -1.53
N LEU A 99 -9.95 1.43 -1.27
CA LEU A 99 -8.73 0.64 -1.14
C LEU A 99 -8.81 -0.57 -2.06
N ARG A 100 -7.68 -0.95 -2.65
CA ARG A 100 -7.55 -2.19 -3.39
C ARG A 100 -6.39 -3.00 -2.86
N VAL A 101 -6.49 -4.32 -3.03
CA VAL A 101 -5.40 -5.26 -2.79
C VAL A 101 -5.30 -6.12 -4.03
N ARG A 102 -4.19 -6.00 -4.75
CA ARG A 102 -3.94 -6.75 -5.99
C ARG A 102 -2.70 -7.60 -5.84
N VAL A 103 -2.63 -8.63 -6.66
CA VAL A 103 -1.50 -9.56 -6.71
C VAL A 103 -0.57 -9.16 -7.83
N ALA A 104 0.71 -8.98 -7.50
CA ALA A 104 1.74 -8.76 -8.51
C ALA A 104 3.03 -9.37 -7.98
N ASP A 105 3.65 -10.25 -8.78
CA ASP A 105 4.87 -10.94 -8.38
C ASP A 105 6.03 -9.95 -8.36
N LEU A 106 6.41 -9.48 -7.16
CA LEU A 106 7.47 -8.49 -7.06
C LEU A 106 8.86 -9.06 -7.33
N THR A 107 9.01 -10.38 -7.29
CA THR A 107 10.31 -10.96 -7.64
C THR A 107 10.58 -10.87 -9.14
N ASP A 108 9.55 -10.59 -9.94
CA ASP A 108 9.64 -10.54 -11.40
C ASP A 108 9.53 -9.09 -11.84
N PRO A 109 10.62 -8.45 -12.27
CA PRO A 109 10.55 -7.03 -12.65
C PRO A 109 9.51 -6.73 -13.72
N ALA A 110 9.34 -7.62 -14.69
CA ALA A 110 8.34 -7.40 -15.73
C ALA A 110 6.93 -7.41 -15.16
N ALA A 111 6.68 -8.27 -14.17
CA ALA A 111 5.36 -8.32 -13.56
C ALA A 111 5.10 -7.07 -12.73
N LEU A 112 6.11 -6.58 -12.01
CA LEU A 112 5.91 -5.36 -11.24
C LEU A 112 5.70 -4.17 -12.17
N ARG A 113 6.51 -4.07 -13.23
CA ARG A 113 6.29 -3.00 -14.21
C ARG A 113 4.88 -3.06 -14.77
N ALA A 114 4.41 -4.26 -15.15
CA ALA A 114 3.08 -4.39 -15.71
C ALA A 114 2.00 -3.94 -14.73
N ALA A 115 2.14 -4.29 -13.45
CA ALA A 115 1.14 -3.90 -12.47
C ALA A 115 1.15 -2.39 -12.24
N LEU A 116 2.35 -1.79 -12.19
CA LEU A 116 2.43 -0.34 -12.07
C LEU A 116 1.85 0.33 -13.30
N GLU A 117 2.14 -0.21 -14.49
CA GLU A 117 1.63 0.38 -15.72
C GLU A 117 0.10 0.32 -15.79
N ALA A 118 -0.50 -0.75 -15.26
CA ALA A 118 -1.95 -0.79 -15.18
C ALA A 118 -2.48 0.33 -14.29
N LEU A 119 -1.86 0.52 -13.13
CA LEU A 119 -2.30 1.58 -12.23
C LEU A 119 -2.07 2.96 -12.83
N PHE A 120 -0.95 3.15 -13.54
CA PHE A 120 -0.70 4.42 -14.20
C PHE A 120 -1.72 4.69 -15.29
N ALA A 121 -2.18 3.64 -15.99
CA ALA A 121 -3.24 3.82 -16.97
C ALA A 121 -4.54 4.26 -16.31
N GLU A 122 -4.83 3.73 -15.10
CA GLU A 122 -6.06 4.08 -14.41
C GLU A 122 -5.95 5.44 -13.71
N HIS A 123 -4.79 5.76 -13.13
CA HIS A 123 -4.66 6.89 -12.22
C HIS A 123 -3.63 7.93 -12.64
N GLY A 124 -2.86 7.69 -13.68
CA GLY A 124 -1.83 8.63 -14.10
C GLY A 124 -0.56 8.49 -13.28
N ARG A 125 0.48 9.18 -13.73
CA ARG A 125 1.77 9.16 -13.05
C ARG A 125 2.04 10.39 -12.19
N ASP A 126 1.55 11.56 -12.61
CA ASP A 126 1.89 12.82 -11.94
C ASP A 126 1.37 12.87 -10.52
N ASP A 127 0.17 12.35 -10.27
CA ASP A 127 -0.51 12.53 -8.99
C ASP A 127 -0.46 11.26 -8.13
N THR A 128 0.44 10.34 -8.45
CA THR A 128 0.48 9.02 -7.84
C THR A 128 1.75 8.88 -7.00
N LEU A 129 1.58 8.60 -5.71
CA LEU A 129 2.68 8.36 -4.79
C LEU A 129 2.89 6.86 -4.66
N VAL A 130 4.07 6.37 -5.04
CA VAL A 130 4.40 4.95 -4.95
C VAL A 130 5.35 4.75 -3.77
N LEU A 131 5.00 3.82 -2.87
CA LEU A 131 5.73 3.60 -1.63
C LEU A 131 6.03 2.12 -1.46
N PRO A 132 7.26 1.75 -1.09
CA PRO A 132 7.55 0.37 -0.75
C PRO A 132 7.16 0.12 0.69
N ALA A 133 6.83 -1.14 0.98
CA ALA A 133 6.46 -1.56 2.32
C ALA A 133 7.63 -2.09 3.13
N GLY A 134 8.81 -2.16 2.54
CA GLY A 134 9.98 -2.71 3.22
C GLY A 134 11.18 -2.59 2.32
N GLU A 135 12.31 -3.07 2.84
CA GLU A 135 13.58 -2.94 2.13
C GLU A 135 13.56 -3.72 0.82
N ALA A 136 13.09 -4.97 0.86
CA ALA A 136 13.07 -5.78 -0.35
C ALA A 136 12.21 -5.14 -1.42
N ALA A 137 11.05 -4.58 -1.02
CA ALA A 137 10.19 -3.94 -2.00
C ALA A 137 10.85 -2.69 -2.58
N LEU A 138 11.52 -1.91 -1.74
CA LEU A 138 12.25 -0.75 -2.25
C LEU A 138 13.29 -1.17 -3.28
N ALA A 139 14.03 -2.25 -3.00
CA ALA A 139 15.06 -2.72 -3.93
C ALA A 139 14.46 -3.23 -5.24
N ALA A 140 13.24 -3.75 -5.19
CA ALA A 140 12.58 -4.19 -6.41
C ALA A 140 12.00 -3.00 -7.17
N LEU A 141 11.48 -2.02 -6.43
CA LEU A 141 10.72 -0.92 -7.03
C LEU A 141 11.61 0.12 -7.67
N GLU A 142 12.71 0.50 -7.01
CA GLU A 142 13.60 1.53 -7.54
C GLU A 142 14.07 1.27 -8.96
N PRO A 143 14.65 0.11 -9.30
CA PRO A 143 15.09 -0.07 -10.69
C PRO A 143 13.95 -0.02 -11.69
N VAL A 144 12.78 -0.54 -11.32
CA VAL A 144 11.65 -0.53 -12.25
C VAL A 144 11.23 0.91 -12.53
N LEU A 145 11.10 1.72 -11.49
CA LEU A 145 10.73 3.12 -11.67
C LEU A 145 11.79 3.85 -12.49
N ARG A 146 13.06 3.58 -12.20
CA ARG A 146 14.12 4.27 -12.93
C ARG A 146 14.13 3.88 -14.40
N GLU A 147 13.85 2.60 -14.71
CA GLU A 147 13.78 2.18 -16.11
C GLU A 147 12.66 2.91 -16.83
N LEU A 148 11.56 3.17 -16.14
CA LEU A 148 10.44 3.91 -16.69
C LEU A 148 10.71 5.40 -16.79
N GLY A 149 11.88 5.85 -16.35
CA GLY A 149 12.17 7.26 -16.37
C GLY A 149 11.53 8.05 -15.26
N LEU A 150 11.00 7.38 -14.24
CA LEU A 150 10.30 8.04 -13.14
C LEU A 150 11.25 8.26 -11.97
N GLU A 151 12.29 9.06 -12.23
CA GLU A 151 13.35 9.26 -11.25
C GLU A 151 12.84 9.99 -10.02
N GLU A 152 12.02 11.02 -10.21
CA GLU A 152 11.50 11.75 -9.05
C GLU A 152 10.60 10.86 -8.21
N MET A 153 9.74 10.08 -8.87
CA MET A 153 8.89 9.14 -8.14
C MET A 153 9.71 8.16 -7.32
N ALA A 154 10.80 7.63 -7.89
CA ALA A 154 11.68 6.73 -7.15
C ALA A 154 12.34 7.44 -5.98
N ALA A 155 12.75 8.69 -6.18
CA ALA A 155 13.40 9.44 -5.10
C ALA A 155 12.43 9.66 -3.94
N VAL A 156 11.19 10.02 -4.24
CA VAL A 156 10.19 10.22 -3.20
C VAL A 156 9.87 8.91 -2.51
N ALA A 157 9.80 7.81 -3.27
CA ALA A 157 9.52 6.50 -2.67
C ALA A 157 10.54 6.16 -1.60
N ARG A 158 11.84 6.39 -1.90
CA ARG A 158 12.89 6.08 -0.94
C ARG A 158 12.83 7.02 0.25
N GLU A 159 12.62 8.33 0.00
CA GLU A 159 12.67 9.28 1.10
C GLU A 159 11.48 9.09 2.04
N VAL A 160 10.28 8.93 1.48
CA VAL A 160 9.11 8.75 2.33
C VAL A 160 9.18 7.42 3.06
N TYR A 161 9.67 6.37 2.38
CA TYR A 161 9.88 5.10 3.06
C TYR A 161 10.76 5.24 4.29
N ALA A 162 11.87 5.97 4.17
CA ALA A 162 12.76 6.15 5.33
C ALA A 162 12.00 6.75 6.52
N ARG A 163 11.16 7.75 6.26
CA ARG A 163 10.42 8.35 7.36
C ARG A 163 9.39 7.40 7.93
N LEU A 164 8.72 6.61 7.07
CA LEU A 164 7.75 5.64 7.55
C LEU A 164 8.44 4.55 8.36
N ARG A 165 9.58 4.07 7.90
CA ARG A 165 10.32 3.05 8.63
C ARG A 165 10.66 3.52 10.03
N ALA A 166 11.19 4.74 10.16
CA ALA A 166 11.54 5.27 11.46
C ALA A 166 10.31 5.42 12.34
N ALA A 167 9.20 5.94 11.79
CA ALA A 167 7.98 6.13 12.55
C ALA A 167 7.44 4.80 13.05
N LEU A 168 7.47 3.76 12.21
CA LEU A 168 6.95 2.48 12.64
C LEU A 168 7.86 1.79 13.66
N ALA A 169 9.17 2.05 13.58
CA ALA A 169 10.07 1.52 14.60
C ALA A 169 9.71 2.08 15.97
N ALA A 170 9.29 3.34 16.02
CA ALA A 170 8.95 3.94 17.29
C ALA A 170 7.56 3.53 17.75
N ALA A 171 6.63 3.36 16.81
CA ALA A 171 5.23 3.14 17.13
C ALA A 171 4.92 1.69 17.50
N ARG A 172 5.62 0.71 16.91
CA ARG A 172 5.52 -0.71 17.26
C ARG A 172 4.09 -1.22 17.09
N ALA A 173 3.68 -1.35 15.82
CA ALA A 173 2.29 -1.66 15.51
C ALA A 173 1.83 -2.98 16.13
N LEU A 174 2.71 -3.99 16.16
CA LEU A 174 2.31 -5.33 16.54
C LEU A 174 2.79 -5.74 17.93
N GLU A 175 3.30 -4.79 18.72
CA GLU A 175 3.96 -5.12 19.99
C GLU A 175 3.04 -5.87 20.96
N HIS A 176 1.74 -5.63 20.88
CA HIS A 176 0.81 -6.19 21.86
C HIS A 176 0.24 -7.52 21.40
N HIS A 177 0.72 -8.06 20.27
CA HIS A 177 0.07 -9.25 19.71
C HIS A 177 1.05 -10.33 19.29
N HIS A 178 2.27 -10.32 19.86
CA HIS A 178 3.22 -11.42 19.75
C HIS A 178 4.17 -11.34 20.94
N HIS A 179 4.89 -12.43 21.17
CA HIS A 179 5.88 -12.43 22.24
C HIS A 179 7.15 -11.69 21.81
#